data_3TR3
#
_entry.id   3TR3
#
_cell.length_a   66.245
_cell.length_b   66.245
_cell.length_c   118.009
_cell.angle_alpha   90.000
_cell.angle_beta   90.000
_cell.angle_gamma   120.000
#
_symmetry.space_group_name_H-M   'P 31 2 1'
#
loop_
_entity.id
_entity.type
_entity.pdbx_description
1 polymer BolA
2 non-polymer 'COBALT (II) ION'
3 water water
#
_entity_poly.entity_id   1
_entity_poly.type   'polypeptide(L)'
_entity_poly.pdbx_seq_one_letter_code
;SNA(MSE)VTTHDIKQWIETGLSESRVISAEGDGHHFEAVVLCPTFEGQTALTRHRLVYNALGSH(MSE)QSDIHALSLK
TYTPDEYERG
;
_entity_poly.pdbx_strand_id   A,B
#
loop_
_chem_comp.id
_chem_comp.type
_chem_comp.name
_chem_comp.formula
CO non-polymer 'COBALT (II) ION' 'Co 2'
#
# COMPACT_ATOMS: atom_id res chain seq x y z
N MSE A 4 13.83 -1.91 12.01
CA MSE A 4 13.26 -1.39 10.76
C MSE A 4 11.74 -1.57 10.83
O MSE A 4 11.25 -2.69 11.02
CB MSE A 4 13.85 -2.17 9.57
CG MSE A 4 14.21 -1.33 8.31
SE MSE A 4 12.70 -0.37 7.49
CE MSE A 4 13.47 0.28 5.80
N VAL A 5 10.98 -0.47 10.69
CA VAL A 5 9.51 -0.52 10.72
C VAL A 5 8.97 -0.61 9.32
N THR A 6 7.98 -1.47 9.11
CA THR A 6 7.46 -1.77 7.78
C THR A 6 5.97 -1.45 7.67
N THR A 7 5.47 -1.38 6.42
CA THR A 7 4.05 -1.20 6.14
C THR A 7 3.20 -2.35 6.71
N HIS A 8 3.85 -3.50 6.91
CA HIS A 8 3.19 -4.62 7.55
C HIS A 8 2.93 -4.30 9.04
N ASP A 9 3.92 -3.69 9.68
CA ASP A 9 3.76 -3.18 11.06
C ASP A 9 2.63 -2.18 11.16
N ILE A 10 2.64 -1.18 10.28
CA ILE A 10 1.65 -0.11 10.31
C ILE A 10 0.23 -0.68 10.26
N LYS A 11 0.05 -1.66 9.38
CA LYS A 11 -1.24 -2.25 9.12
C LYS A 11 -1.70 -3.05 10.32
N GLN A 12 -0.82 -3.92 10.81
CA GLN A 12 -1.03 -4.68 12.04
C GLN A 12 -1.43 -3.76 13.21
N TRP A 13 -0.69 -2.67 13.41
CA TRP A 13 -0.91 -1.77 14.54
C TRP A 13 -2.22 -0.99 14.46
N ILE A 14 -2.55 -0.44 13.30
CA ILE A 14 -3.82 0.25 13.08
C ILE A 14 -5.03 -0.67 13.26
N GLU A 15 -4.89 -1.93 12.85
CA GLU A 15 -6.02 -2.87 12.84
C GLU A 15 -6.27 -3.42 14.24
N THR A 16 -5.20 -3.47 15.03
CA THR A 16 -5.33 -3.89 16.42
C THR A 16 -5.99 -2.76 17.20
N GLY A 17 -5.41 -1.56 17.08
CA GLY A 17 -5.87 -0.38 17.81
C GLY A 17 -7.25 0.16 17.41
N LEU A 18 -7.53 0.17 16.13
CA LEU A 18 -8.79 0.73 15.70
C LEU A 18 -9.73 -0.41 15.30
N SER A 19 -10.80 -0.56 16.06
CA SER A 19 -11.67 -1.72 15.97
C SER A 19 -12.44 -1.72 14.66
N GLU A 20 -12.58 -2.91 14.06
CA GLU A 20 -13.29 -3.06 12.80
C GLU A 20 -12.76 -2.16 11.64
N SER A 21 -11.46 -1.87 11.68
CA SER A 21 -10.86 -1.10 10.61
C SER A 21 -10.09 -2.07 9.70
N ARG A 22 -9.73 -1.61 8.51
CA ARG A 22 -8.99 -2.46 7.57
C ARG A 22 -8.06 -1.56 6.81
N VAL A 23 -6.76 -1.86 6.89
CA VAL A 23 -5.79 -1.15 6.10
C VAL A 23 -5.66 -1.86 4.74
N ILE A 24 -6.20 -1.27 3.68
CA ILE A 24 -6.17 -1.88 2.36
C ILE A 24 -4.90 -1.60 1.58
N SER A 25 -4.23 -0.49 1.85
CA SER A 25 -2.92 -0.32 1.26
C SER A 25 -2.03 0.57 2.09
N ALA A 26 -0.74 0.51 1.82
CA ALA A 26 0.20 1.27 2.60
C ALA A 26 1.50 1.38 1.84
N GLU A 27 2.18 2.50 2.06
CA GLU A 27 3.44 2.83 1.47
C GLU A 27 4.36 3.22 2.63
N GLY A 28 5.66 3.07 2.43
CA GLY A 28 6.59 3.53 3.45
C GLY A 28 8.02 3.54 2.97
N ASP A 29 8.84 4.43 3.55
CA ASP A 29 10.30 4.43 3.37
C ASP A 29 11.13 4.10 4.67
N GLY A 30 10.47 3.59 5.70
CA GLY A 30 11.15 3.34 6.98
C GLY A 30 10.92 4.42 8.05
N HIS A 31 10.76 5.68 7.61
CA HIS A 31 10.45 6.84 8.46
C HIS A 31 9.12 7.44 8.08
N HIS A 32 8.94 7.79 6.80
CA HIS A 32 7.61 8.26 6.34
C HIS A 32 6.72 7.15 5.80
N PHE A 33 5.46 7.16 6.21
CA PHE A 33 4.48 6.16 5.80
C PHE A 33 3.15 6.76 5.41
N GLU A 34 2.42 6.05 4.55
CA GLU A 34 1.03 6.36 4.23
C GLU A 34 0.15 5.12 4.39
N ALA A 35 -1.09 5.30 4.83
CA ALA A 35 -2.02 4.17 4.92
C ALA A 35 -3.40 4.58 4.41
N VAL A 36 -4.05 3.66 3.70
CA VAL A 36 -5.44 3.84 3.28
C VAL A 36 -6.25 2.97 4.22
N VAL A 37 -7.21 3.58 4.91
CA VAL A 37 -7.88 2.89 6.00
C VAL A 37 -9.38 2.92 5.78
N LEU A 38 -10.06 1.78 5.92
CA LEU A 38 -11.50 1.73 5.82
C LEU A 38 -12.10 1.34 7.17
N CYS A 39 -13.21 1.98 7.51
CA CYS A 39 -13.89 1.71 8.76
C CYS A 39 -15.29 2.32 8.65
N PRO A 40 -16.31 1.56 9.04
CA PRO A 40 -17.71 1.99 8.93
C PRO A 40 -17.98 3.15 9.89
N THR A 41 -17.33 3.10 11.04
CA THR A 41 -17.32 4.17 12.03
C THR A 41 -17.13 5.56 11.44
N PHE A 42 -16.23 5.70 10.48
CA PHE A 42 -15.95 7.01 9.86
C PHE A 42 -17.19 7.71 9.26
N GLU A 43 -18.29 6.97 9.14
CA GLU A 43 -19.55 7.54 8.66
C GLU A 43 -19.99 8.75 9.49
N GLY A 44 -20.21 9.88 8.81
CA GLY A 44 -20.64 11.11 9.45
C GLY A 44 -19.52 11.92 10.08
N GLN A 45 -18.30 11.39 10.05
CA GLN A 45 -17.17 12.09 10.66
C GLN A 45 -16.35 12.77 9.59
N THR A 46 -15.81 13.94 9.91
CA THR A 46 -15.00 14.67 8.94
C THR A 46 -13.64 13.99 8.73
N ALA A 47 -12.96 14.31 7.63
CA ALA A 47 -11.65 13.74 7.39
C ALA A 47 -10.72 13.97 8.59
N LEU A 48 -10.76 15.20 9.12
CA LEU A 48 -9.85 15.60 10.22
C LEU A 48 -10.10 14.73 11.44
N THR A 49 -11.38 14.50 11.76
CA THR A 49 -11.78 13.66 12.87
C THR A 49 -11.29 12.21 12.68
N ARG A 50 -11.48 11.69 11.48
CA ARG A 50 -11.10 10.32 11.14
C ARG A 50 -9.60 10.11 11.27
N HIS A 51 -8.80 11.10 10.82
CA HIS A 51 -7.35 11.04 11.00
C HIS A 51 -6.96 11.00 12.48
N ARG A 52 -7.55 11.89 13.27
CA ARG A 52 -7.25 11.95 14.71
C ARG A 52 -7.59 10.60 15.36
N LEU A 53 -8.72 10.00 14.97
CA LEU A 53 -9.13 8.71 15.53
C LEU A 53 -8.10 7.62 15.32
N VAL A 54 -7.48 7.66 14.15
CA VAL A 54 -6.49 6.68 13.78
C VAL A 54 -5.14 6.87 14.46
N TYR A 55 -4.68 8.11 14.50
CA TYR A 55 -3.49 8.49 15.29
C TYR A 55 -3.62 8.09 16.77
N ASN A 56 -4.77 8.39 17.38
CA ASN A 56 -5.03 7.95 18.76
C ASN A 56 -5.08 6.42 18.83
N ALA A 57 -5.79 5.77 17.92
CA ALA A 57 -5.78 4.31 17.96
C ALA A 57 -4.35 3.79 18.04
N LEU A 58 -3.42 4.46 17.37
CA LEU A 58 -2.02 4.02 17.36
C LEU A 58 -1.21 4.26 18.64
N GLY A 59 -1.72 5.10 19.55
CA GLY A 59 -1.13 5.27 20.86
C GLY A 59 0.36 5.61 20.90
N SER A 60 1.10 4.88 21.72
CA SER A 60 2.52 5.12 21.89
C SER A 60 3.37 4.72 20.66
N HIS A 61 2.73 4.14 19.64
CA HIS A 61 3.48 3.80 18.42
C HIS A 61 3.97 5.08 17.71
N MSE A 62 3.23 6.18 17.90
CA MSE A 62 3.61 7.46 17.33
C MSE A 62 4.86 8.07 17.93
O MSE A 62 5.52 8.86 17.27
CB MSE A 62 2.49 8.49 17.44
CG MSE A 62 1.21 8.11 16.67
SE MSE A 62 1.56 7.67 14.75
CE MSE A 62 2.24 9.37 14.02
N GLN A 63 5.17 7.71 19.17
CA GLN A 63 6.31 8.35 19.87
C GLN A 63 7.62 8.19 19.15
N SER A 64 7.93 6.95 18.79
CA SER A 64 9.20 6.63 18.16
C SER A 64 9.17 5.51 17.11
N ASP A 65 8.26 4.53 17.19
CA ASP A 65 8.20 3.46 16.18
C ASP A 65 7.90 4.05 14.79
N ILE A 66 6.83 4.82 14.71
CA ILE A 66 6.42 5.53 13.52
C ILE A 66 6.92 6.99 13.56
N HIS A 67 7.99 7.27 12.80
CA HIS A 67 8.47 8.64 12.61
C HIS A 67 7.38 9.62 12.09
N ALA A 68 6.75 9.34 10.93
CA ALA A 68 5.66 10.18 10.39
C ALA A 68 4.69 9.36 9.55
N LEU A 69 3.42 9.78 9.51
CA LEU A 69 2.34 8.99 8.94
C LEU A 69 1.26 9.87 8.38
N SER A 70 1.06 9.84 7.07
CA SER A 70 -0.14 10.45 6.45
C SER A 70 -1.24 9.41 6.22
N LEU A 71 -2.49 9.84 6.09
CA LEU A 71 -3.64 8.92 5.99
C LEU A 71 -4.62 9.32 4.90
N LYS A 72 -5.22 8.32 4.25
CA LYS A 72 -6.50 8.51 3.57
C LYS A 72 -7.55 7.63 4.24
N THR A 73 -8.67 8.22 4.64
CA THR A 73 -9.63 7.51 5.47
C THR A 73 -11.00 7.46 4.79
N TYR A 74 -11.52 6.25 4.54
CA TYR A 74 -12.81 6.03 3.87
C TYR A 74 -13.72 5.05 4.63
N THR A 75 -15.03 5.24 4.51
CA THR A 75 -15.96 4.17 4.88
C THR A 75 -15.93 3.10 3.78
N PRO A 76 -16.05 1.82 4.15
CA PRO A 76 -16.07 0.76 3.12
C PRO A 76 -16.87 1.16 1.90
N ASP A 77 -18.00 1.80 2.12
CA ASP A 77 -18.86 2.21 1.02
C ASP A 77 -18.28 3.33 0.15
N GLU A 78 -17.80 4.41 0.75
CA GLU A 78 -17.20 5.51 0.00
C GLU A 78 -16.10 5.03 -0.93
N TYR A 79 -15.47 3.93 -0.56
CA TYR A 79 -14.35 3.40 -1.31
C TYR A 79 -14.82 2.70 -2.59
N GLU A 80 -15.96 2.01 -2.48
CA GLU A 80 -16.70 1.44 -3.62
C GLU A 80 -17.08 2.49 -4.64
N ARG A 81 -17.08 3.76 -4.21
CA ARG A 81 -17.51 4.90 -5.02
C ARG A 81 -19.00 5.16 -4.83
N ASN B 2 9.57 10.10 -13.96
CA ASN B 2 10.04 10.84 -12.77
C ASN B 2 11.55 10.70 -12.48
N ALA B 3 12.25 11.84 -12.46
CA ALA B 3 13.68 11.89 -12.18
C ALA B 3 14.02 11.44 -10.75
N MSE B 4 13.04 11.52 -9.84
CA MSE B 4 13.23 11.08 -8.47
C MSE B 4 12.05 10.25 -7.91
O MSE B 4 11.07 10.80 -7.37
CB MSE B 4 13.47 12.28 -7.60
CG MSE B 4 13.90 11.94 -6.22
SE MSE B 4 14.77 13.49 -5.41
CE MSE B 4 16.44 13.59 -6.44
N VAL B 5 12.17 8.92 -7.99
CA VAL B 5 11.02 8.03 -7.88
C VAL B 5 10.51 7.87 -6.45
N THR B 6 9.20 7.96 -6.25
CA THR B 6 8.67 7.73 -4.91
C THR B 6 7.90 6.44 -4.85
N THR B 7 7.51 6.04 -3.65
CA THR B 7 6.68 4.86 -3.53
C THR B 7 5.29 5.07 -4.14
N HIS B 8 4.78 6.31 -4.12
CA HIS B 8 3.46 6.61 -4.68
C HIS B 8 3.50 6.54 -6.24
N ASP B 9 4.66 6.87 -6.82
CA ASP B 9 4.91 6.61 -8.22
C ASP B 9 4.75 5.11 -8.56
N ILE B 10 5.48 4.27 -7.84
CA ILE B 10 5.51 2.85 -8.11
C ILE B 10 4.05 2.36 -8.12
N LYS B 11 3.26 2.83 -7.16
CA LYS B 11 1.89 2.38 -6.98
C LYS B 11 0.94 2.85 -8.06
N GLN B 12 1.03 4.14 -8.40
CA GLN B 12 0.22 4.68 -9.49
C GLN B 12 0.54 4.07 -10.88
N TRP B 13 1.83 3.91 -11.20
CA TRP B 13 2.29 3.43 -12.50
C TRP B 13 1.84 1.99 -12.75
N ILE B 14 2.00 1.13 -11.75
CA ILE B 14 1.61 -0.26 -11.89
C ILE B 14 0.09 -0.40 -12.01
N GLU B 15 -0.66 0.34 -11.18
CA GLU B 15 -2.12 0.30 -11.30
C GLU B 15 -2.66 0.92 -12.61
N THR B 16 -1.90 1.82 -13.21
CA THR B 16 -2.28 2.42 -14.46
C THR B 16 -2.02 1.44 -15.58
N GLY B 17 -0.84 0.82 -15.58
CA GLY B 17 -0.45 -0.08 -16.65
C GLY B 17 -1.08 -1.46 -16.63
N LEU B 18 -1.50 -1.94 -15.46
CA LEU B 18 -1.95 -3.30 -15.32
C LEU B 18 -3.38 -3.33 -14.76
N SER B 19 -4.38 -3.63 -15.60
CA SER B 19 -5.80 -3.52 -15.19
C SER B 19 -6.15 -4.47 -14.07
N GLU B 20 -7.02 -3.99 -13.18
CA GLU B 20 -7.49 -4.78 -12.05
C GLU B 20 -6.37 -5.08 -11.04
N SER B 21 -5.24 -4.37 -11.12
CA SER B 21 -4.23 -4.57 -10.06
C SER B 21 -4.37 -3.56 -8.91
N ARG B 22 -4.03 -4.03 -7.71
CA ARG B 22 -3.91 -3.18 -6.51
C ARG B 22 -2.52 -3.33 -5.94
N VAL B 23 -1.77 -2.22 -5.85
CA VAL B 23 -0.50 -2.27 -5.10
C VAL B 23 -0.76 -2.04 -3.57
N ILE B 24 -0.84 -3.14 -2.82
CA ILE B 24 -1.22 -3.08 -1.41
C ILE B 24 -0.06 -2.67 -0.51
N SER B 25 1.16 -2.77 -1.02
CA SER B 25 2.29 -2.29 -0.28
C SER B 25 3.40 -1.88 -1.23
N ALA B 26 3.90 -0.65 -1.09
CA ALA B 26 5.06 -0.16 -1.83
C ALA B 26 6.10 0.50 -0.87
N GLU B 27 7.34 -0.01 -0.85
CA GLU B 27 8.39 0.46 0.06
C GLU B 27 9.69 0.68 -0.69
N GLY B 28 10.53 1.56 -0.15
CA GLY B 28 11.85 1.88 -0.71
C GLY B 28 12.32 3.33 -0.58
N ASP B 29 13.50 3.61 -1.13
CA ASP B 29 14.26 4.84 -0.84
C ASP B 29 14.63 5.67 -2.09
N GLY B 30 13.96 5.42 -3.22
CA GLY B 30 14.31 6.10 -4.47
C GLY B 30 15.15 5.27 -5.46
N HIS B 31 15.76 4.18 -4.99
CA HIS B 31 16.61 3.29 -5.78
C HIS B 31 16.22 1.84 -5.61
N HIS B 32 16.12 1.36 -4.37
CA HIS B 32 15.67 -0.03 -4.16
C HIS B 32 14.23 -0.04 -3.61
N PHE B 33 13.33 -0.78 -4.25
CA PHE B 33 11.94 -0.81 -3.86
C PHE B 33 11.46 -2.27 -3.72
N GLU B 34 10.36 -2.44 -3.00
CA GLU B 34 9.62 -3.70 -2.91
C GLU B 34 8.16 -3.36 -3.07
N ALA B 35 7.45 -4.20 -3.81
CA ALA B 35 6.03 -3.99 -4.02
C ALA B 35 5.31 -5.33 -3.87
N VAL B 36 4.11 -5.29 -3.31
CA VAL B 36 3.25 -6.45 -3.20
C VAL B 36 2.11 -6.06 -4.08
N VAL B 37 1.85 -6.90 -5.10
CA VAL B 37 0.88 -6.60 -6.15
C VAL B 37 -0.16 -7.71 -6.17
N LEU B 38 -1.44 -7.32 -6.14
CA LEU B 38 -2.54 -8.24 -6.30
C LEU B 38 -3.11 -8.00 -7.69
N CYS B 39 -3.34 -9.09 -8.43
CA CYS B 39 -4.02 -9.06 -9.73
C CYS B 39 -4.62 -10.44 -10.05
N PRO B 40 -5.94 -10.48 -10.39
CA PRO B 40 -6.58 -11.75 -10.77
C PRO B 40 -5.99 -12.34 -12.07
N THR B 41 -5.36 -11.49 -12.88
CA THR B 41 -4.69 -11.91 -14.11
C THR B 41 -3.49 -12.88 -13.86
N PHE B 42 -2.99 -12.89 -12.63
CA PHE B 42 -1.87 -13.78 -12.30
C PHE B 42 -2.37 -15.23 -12.17
N GLU B 43 -3.68 -15.43 -12.15
CA GLU B 43 -4.18 -16.80 -12.00
C GLU B 43 -3.63 -17.72 -13.09
N GLY B 44 -2.93 -18.77 -12.68
CA GLY B 44 -2.43 -19.76 -13.65
C GLY B 44 -1.11 -19.36 -14.28
N GLN B 45 -0.50 -18.27 -13.82
CA GLN B 45 0.72 -17.79 -14.45
C GLN B 45 1.89 -18.08 -13.51
N THR B 46 3.03 -18.43 -14.05
CA THR B 46 4.17 -18.66 -13.20
C THR B 46 4.66 -17.36 -12.53
N ALA B 47 5.44 -17.51 -11.46
CA ALA B 47 5.99 -16.33 -10.75
C ALA B 47 6.75 -15.44 -11.74
N LEU B 48 7.53 -16.07 -12.62
CA LEU B 48 8.30 -15.32 -13.60
C LEU B 48 7.41 -14.49 -14.53
N THR B 49 6.34 -15.09 -15.03
CA THR B 49 5.37 -14.36 -15.84
C THR B 49 4.68 -13.24 -15.07
N ARG B 50 4.29 -13.52 -13.82
CA ARG B 50 3.58 -12.53 -13.02
C ARG B 50 4.47 -11.29 -12.91
N HIS B 51 5.74 -11.52 -12.60
CA HIS B 51 6.73 -10.45 -12.47
C HIS B 51 6.93 -9.70 -13.77
N ARG B 52 7.00 -10.42 -14.89
CA ARG B 52 7.20 -9.75 -16.17
C ARG B 52 6.04 -8.86 -16.59
N LEU B 53 4.81 -9.29 -16.32
CA LEU B 53 3.65 -8.45 -16.61
C LEU B 53 3.79 -7.09 -15.88
N VAL B 54 4.28 -7.13 -14.64
CA VAL B 54 4.41 -5.95 -13.83
C VAL B 54 5.53 -5.03 -14.35
N TYR B 55 6.70 -5.62 -14.66
CA TYR B 55 7.79 -4.84 -15.24
C TYR B 55 7.36 -4.24 -16.57
N ASN B 56 6.57 -4.99 -17.33
CA ASN B 56 6.11 -4.51 -18.63
C ASN B 56 5.09 -3.37 -18.51
N ALA B 57 4.16 -3.52 -17.56
CA ALA B 57 3.26 -2.45 -17.15
C ALA B 57 3.98 -1.16 -16.73
N LEU B 58 5.21 -1.23 -16.21
CA LEU B 58 5.93 -0.03 -15.77
C LEU B 58 6.65 0.65 -16.93
N GLY B 59 6.68 -0.06 -18.07
CA GLY B 59 7.19 0.47 -19.31
C GLY B 59 8.55 1.12 -19.20
N SER B 60 8.64 2.37 -19.62
CA SER B 60 9.90 3.09 -19.63
C SER B 60 10.38 3.49 -18.23
N HIS B 61 9.47 3.55 -17.26
CA HIS B 61 9.83 3.83 -15.89
C HIS B 61 10.77 2.74 -15.39
N MSE B 62 10.47 1.51 -15.77
CA MSE B 62 11.28 0.37 -15.39
C MSE B 62 12.63 0.41 -16.10
O MSE B 62 13.65 -0.07 -15.59
CB MSE B 62 10.57 -0.95 -15.70
CG MSE B 62 11.14 -2.16 -14.93
SE MSE B 62 11.31 -1.95 -12.92
CE MSE B 62 13.23 -2.15 -12.65
N GLN B 63 12.63 0.96 -17.29
CA GLN B 63 13.81 0.87 -18.10
C GLN B 63 14.81 1.89 -17.65
N SER B 64 14.31 3.10 -17.38
CA SER B 64 15.14 4.29 -17.12
C SER B 64 15.11 4.88 -15.69
N ASP B 65 13.99 4.77 -14.97
CA ASP B 65 13.80 5.51 -13.71
C ASP B 65 14.01 4.69 -12.43
N ILE B 66 13.58 3.41 -12.46
CA ILE B 66 13.60 2.56 -11.29
C ILE B 66 14.83 1.67 -11.31
N HIS B 67 15.76 1.89 -10.38
CA HIS B 67 17.01 1.15 -10.34
C HIS B 67 16.76 -0.33 -9.99
N ALA B 68 15.99 -0.60 -8.95
CA ALA B 68 15.76 -1.99 -8.53
C ALA B 68 14.38 -2.14 -7.93
N LEU B 69 13.69 -3.21 -8.30
CA LEU B 69 12.33 -3.42 -7.86
C LEU B 69 12.10 -4.89 -7.58
N SER B 70 11.87 -5.26 -6.33
CA SER B 70 11.65 -6.61 -5.88
C SER B 70 10.13 -6.80 -5.75
N LEU B 71 9.57 -7.94 -6.15
CA LEU B 71 8.09 -8.09 -6.18
C LEU B 71 7.57 -9.31 -5.45
N LYS B 72 6.43 -9.15 -4.78
CA LYS B 72 5.57 -10.28 -4.45
C LYS B 72 4.24 -10.09 -5.16
N THR B 73 3.85 -11.12 -5.93
CA THR B 73 2.67 -11.06 -6.80
C THR B 73 1.63 -12.09 -6.39
N TYR B 74 0.42 -11.65 -6.07
CA TYR B 74 -0.61 -12.56 -5.60
C TYR B 74 -1.88 -12.37 -6.41
N THR B 75 -2.66 -13.44 -6.52
CA THR B 75 -4.04 -13.25 -6.90
C THR B 75 -4.76 -12.79 -5.65
N PRO B 76 -5.87 -12.09 -5.83
CA PRO B 76 -6.73 -11.76 -4.70
C PRO B 76 -7.04 -12.96 -3.82
N ASP B 77 -7.32 -14.12 -4.40
CA ASP B 77 -7.56 -15.33 -3.60
C ASP B 77 -6.34 -15.85 -2.84
N GLU B 78 -5.15 -15.87 -3.43
CA GLU B 78 -3.98 -16.31 -2.69
C GLU B 78 -3.84 -15.38 -1.49
N TYR B 79 -4.18 -14.09 -1.66
CA TYR B 79 -3.99 -13.15 -0.58
C TYR B 79 -5.03 -13.32 0.56
N GLU B 80 -6.32 -13.34 0.24
CA GLU B 80 -7.36 -13.56 1.26
C GLU B 80 -7.25 -14.90 2.02
N ARG B 81 -6.67 -15.92 1.40
CA ARG B 81 -6.61 -17.26 1.98
C ARG B 81 -5.33 -17.39 2.80
N GLY B 82 -4.50 -16.37 2.73
CA GLY B 82 -3.28 -16.31 3.52
C GLY B 82 -3.49 -16.08 5.01
CO CO C . 10.89 13.19 8.48
CO CO D . 21.84 -0.82 -6.01
#